data_6URS
#
_entry.id   6URS
#
_entity_poly.entity_id   1
_entity_poly.type   'polypeptide(L)'
_entity_poly.pdbx_seq_one_letter_code
;ASMGKSKEISQDLRKRIVDLYKSGSSLGAISKRLAVPRSSVQTIVRKYKHHGTTQHH
;
_entity_poly.pdbx_strand_id   A
#
# COMPACT_ATOMS: atom_id res chain seq x y z
N ALA A 1 -1.69 -8.00 23.56
CA ALA A 1 -1.21 -7.71 22.20
C ALA A 1 -0.37 -6.46 22.21
N SER A 2 0.81 -6.63 22.84
CA SER A 2 1.78 -5.56 23.00
C SER A 2 3.03 -5.73 22.19
N MET A 3 3.37 -7.00 21.81
CA MET A 3 4.58 -7.29 21.08
C MET A 3 4.58 -6.84 19.64
N GLY A 4 3.37 -6.72 19.03
CA GLY A 4 3.24 -6.30 17.66
C GLY A 4 2.73 -4.89 17.65
N LYS A 5 1.60 -4.72 16.93
CA LYS A 5 0.90 -3.48 16.75
C LYS A 5 1.66 -2.34 16.15
N SER A 6 1.33 -2.06 14.87
CA SER A 6 1.88 -0.99 14.09
C SER A 6 3.38 -0.95 13.99
N LYS A 7 4.00 -2.09 13.61
CA LYS A 7 5.44 -2.16 13.44
C LYS A 7 5.69 -1.38 12.19
N GLU A 8 6.57 -0.35 12.30
CA GLU A 8 6.94 0.60 11.27
C GLU A 8 5.85 1.63 11.25
N ILE A 9 6.25 2.93 11.28
CA ILE A 9 5.37 4.07 11.31
C ILE A 9 4.52 4.13 10.05
N SER A 10 5.15 3.86 8.89
CA SER A 10 4.51 3.89 7.61
C SER A 10 3.63 2.71 7.29
N GLN A 11 3.66 1.63 8.11
CA GLN A 11 2.89 0.44 7.85
C GLN A 11 1.40 0.67 7.79
N ASP A 12 0.85 1.53 8.69
CA ASP A 12 -0.55 1.82 8.72
C ASP A 12 -0.98 2.56 7.48
N LEU A 13 -0.11 3.48 6.99
CA LEU A 13 -0.37 4.26 5.80
C LEU A 13 -0.36 3.33 4.60
N ARG A 14 0.59 2.36 4.56
CA ARG A 14 0.73 1.40 3.49
C ARG A 14 -0.51 0.55 3.42
N LYS A 15 -1.04 0.12 4.58
CA LYS A 15 -2.22 -0.71 4.65
C LYS A 15 -3.43 0.01 4.14
N ARG A 16 -3.58 1.31 4.50
CA ARG A 16 -4.69 2.12 4.08
C ARG A 16 -4.70 2.32 2.60
N ILE A 17 -3.50 2.56 2.00
CA ILE A 17 -3.38 2.77 0.57
C ILE A 17 -3.71 1.51 -0.17
N VAL A 18 -3.17 0.34 0.28
CA VAL A 18 -3.38 -0.94 -0.37
C VAL A 18 -4.83 -1.36 -0.27
N ASP A 19 -5.52 -1.08 0.87
CA ASP A 19 -6.91 -1.45 1.05
C ASP A 19 -7.77 -0.72 0.06
N LEU A 20 -7.52 0.60 -0.11
CA LEU A 20 -8.25 1.44 -1.03
C LEU A 20 -7.98 1.05 -2.45
N TYR A 21 -6.72 0.68 -2.76
CA TYR A 21 -6.21 0.29 -4.05
C TYR A 21 -6.92 -0.94 -4.53
N LYS A 22 -7.07 -1.97 -3.66
CA LYS A 22 -7.71 -3.21 -4.02
C LYS A 22 -9.21 -3.11 -4.13
N SER A 23 -9.85 -2.32 -3.24
CA SER A 23 -11.29 -2.20 -3.25
C SER A 23 -11.91 -1.26 -4.24
N GLY A 24 -11.32 -0.06 -4.43
CA GLY A 24 -11.86 0.92 -5.32
C GLY A 24 -10.82 1.61 -6.13
N SER A 25 -10.67 2.92 -5.85
CA SER A 25 -9.74 3.77 -6.53
C SER A 25 -8.33 3.36 -6.23
N SER A 26 -7.60 3.06 -7.34
CA SER A 26 -6.25 2.63 -7.25
C SER A 26 -5.27 3.76 -7.34
N LEU A 27 -5.34 4.53 -8.45
CA LEU A 27 -4.40 5.61 -8.61
C LEU A 27 -4.98 6.94 -8.23
N GLY A 28 -6.33 7.05 -8.13
CA GLY A 28 -6.97 8.27 -7.76
C GLY A 28 -6.70 8.58 -6.31
N ALA A 29 -6.71 7.54 -5.45
CA ALA A 29 -6.47 7.66 -4.04
C ALA A 29 -5.04 8.07 -3.77
N ILE A 30 -4.09 7.51 -4.56
CA ILE A 30 -2.69 7.79 -4.40
C ILE A 30 -2.38 9.18 -4.89
N SER A 31 -2.88 9.57 -6.09
CA SER A 31 -2.62 10.86 -6.68
C SER A 31 -3.15 12.00 -5.87
N LYS A 32 -4.33 11.83 -5.25
CA LYS A 32 -4.91 12.88 -4.47
C LYS A 32 -4.26 13.06 -3.13
N ARG A 33 -4.02 11.95 -2.38
CA ARG A 33 -3.45 12.05 -1.06
C ARG A 33 -1.94 12.08 -1.02
N LEU A 34 -1.28 11.08 -1.62
CA LEU A 34 0.15 10.95 -1.63
C LEU A 34 0.81 11.80 -2.68
N ALA A 35 0.09 12.00 -3.81
CA ALA A 35 0.47 12.74 -4.99
C ALA A 35 1.42 11.95 -5.84
N VAL A 36 2.66 11.71 -5.35
CA VAL A 36 3.64 10.97 -6.10
C VAL A 36 3.88 9.67 -5.37
N PRO A 37 3.59 8.51 -5.96
CA PRO A 37 3.80 7.22 -5.34
C PRO A 37 5.25 6.87 -5.13
N ARG A 38 6.14 7.22 -6.10
CA ARG A 38 7.53 6.81 -6.14
C ARG A 38 7.72 5.31 -6.10
N SER A 39 8.99 4.88 -5.97
CA SER A 39 9.38 3.49 -5.90
C SER A 39 8.86 2.86 -4.63
N SER A 40 8.73 3.67 -3.55
CA SER A 40 8.27 3.20 -2.27
C SER A 40 6.89 2.63 -2.32
N VAL A 41 5.91 3.33 -2.94
CA VAL A 41 4.57 2.81 -3.03
C VAL A 41 4.48 1.83 -4.17
N GLN A 42 5.16 2.10 -5.31
CA GLN A 42 5.09 1.24 -6.47
C GLN A 42 5.59 -0.15 -6.28
N THR A 43 6.67 -0.37 -5.50
CA THR A 43 7.20 -1.69 -5.27
C THR A 43 6.23 -2.49 -4.43
N ILE A 44 5.63 -1.87 -3.39
CA ILE A 44 4.71 -2.49 -2.49
C ILE A 44 3.44 -2.86 -3.23
N VAL A 45 2.92 -1.94 -4.08
CA VAL A 45 1.71 -2.18 -4.83
C VAL A 45 1.87 -3.20 -5.90
N ARG A 46 3.06 -3.32 -6.55
CA ARG A 46 3.28 -4.29 -7.59
C ARG A 46 3.13 -5.69 -7.08
N LYS A 47 3.67 -5.96 -5.87
CA LYS A 47 3.63 -7.25 -5.22
C LYS A 47 2.21 -7.52 -4.77
N TYR A 48 1.54 -6.51 -4.17
CA TYR A 48 0.19 -6.65 -3.70
C TYR A 48 -0.83 -6.85 -4.78
N LYS A 49 -0.61 -6.26 -5.99
CA LYS A 49 -1.49 -6.38 -7.11
C LYS A 49 -1.49 -7.81 -7.56
N HIS A 50 -0.30 -8.47 -7.55
CA HIS A 50 -0.15 -9.86 -7.93
C HIS A 50 -0.91 -10.73 -6.96
N HIS A 51 -0.81 -10.43 -5.64
CA HIS A 51 -1.49 -11.20 -4.62
C HIS A 51 -2.98 -11.01 -4.67
N GLY A 52 -3.42 -9.78 -5.03
CA GLY A 52 -4.81 -9.41 -5.14
C GLY A 52 -5.45 -10.08 -6.33
N THR A 53 -4.65 -10.33 -7.41
CA THR A 53 -5.19 -10.97 -8.58
C THR A 53 -5.26 -12.46 -8.28
N THR A 54 -4.10 -13.10 -7.99
CA THR A 54 -4.08 -14.51 -7.69
C THR A 54 -2.88 -14.77 -6.81
N GLN A 55 -3.14 -15.07 -5.51
CA GLN A 55 -2.09 -15.37 -4.58
C GLN A 55 -1.86 -16.87 -4.63
N HIS A 56 -0.59 -17.26 -4.87
CA HIS A 56 -0.17 -18.64 -4.97
C HIS A 56 0.44 -19.09 -3.68
N HIS A 57 0.14 -20.34 -3.27
CA HIS A 57 0.65 -20.89 -2.05
C HIS A 57 1.48 -22.12 -2.45
N ALA A 1 9.22 -1.38 31.15
CA ALA A 1 8.62 -0.89 29.91
C ALA A 1 9.22 -1.57 28.71
N SER A 2 8.33 -1.97 27.80
CA SER A 2 8.71 -2.63 26.57
C SER A 2 9.17 -1.60 25.57
N MET A 3 10.26 -1.92 24.85
CA MET A 3 10.81 -1.05 23.84
C MET A 3 10.46 -1.62 22.49
N GLY A 4 10.28 -2.96 22.42
CA GLY A 4 9.96 -3.65 21.21
C GLY A 4 8.55 -4.12 21.30
N LYS A 5 8.31 -5.34 20.77
CA LYS A 5 7.04 -6.03 20.70
C LYS A 5 6.12 -5.44 19.68
N SER A 6 5.87 -4.10 19.74
CA SER A 6 5.03 -3.41 18.82
C SER A 6 5.78 -3.37 17.51
N LYS A 7 5.13 -3.87 16.45
CA LYS A 7 5.69 -3.95 15.13
C LYS A 7 4.82 -3.21 14.16
N GLU A 8 5.43 -2.87 12.99
CA GLU A 8 4.83 -2.16 11.88
C GLU A 8 4.23 -0.83 12.27
N ILE A 9 4.93 -0.10 13.17
CA ILE A 9 4.49 1.19 13.69
C ILE A 9 4.44 2.18 12.54
N SER A 10 5.51 2.22 11.72
CA SER A 10 5.62 3.08 10.58
C SER A 10 4.88 2.57 9.37
N GLN A 11 4.95 1.24 9.15
CA GLN A 11 4.36 0.55 8.02
C GLN A 11 2.89 0.63 7.86
N ASP A 12 2.12 0.79 8.96
CA ASP A 12 0.67 0.86 8.92
C ASP A 12 0.16 1.98 8.05
N LEU A 13 0.90 3.12 7.98
CA LEU A 13 0.52 4.25 7.19
C LEU A 13 0.49 3.93 5.72
N ARG A 14 1.49 3.16 5.23
CA ARG A 14 1.61 2.74 3.85
C ARG A 14 0.58 1.69 3.54
N LYS A 15 0.32 0.79 4.52
CA LYS A 15 -0.63 -0.28 4.39
C LYS A 15 -2.01 0.22 4.15
N ARG A 16 -2.38 1.36 4.76
CA ARG A 16 -3.69 1.95 4.57
C ARG A 16 -3.90 2.43 3.16
N ILE A 17 -2.82 2.82 2.45
CA ILE A 17 -2.87 3.30 1.09
C ILE A 17 -3.09 2.07 0.23
N VAL A 18 -2.30 0.99 0.46
CA VAL A 18 -2.41 -0.22 -0.33
C VAL A 18 -3.71 -0.96 -0.12
N ASP A 19 -4.36 -0.78 1.05
CA ASP A 19 -5.65 -1.37 1.35
C ASP A 19 -6.67 -0.81 0.40
N LEU A 20 -6.50 0.47 -0.02
CA LEU A 20 -7.37 1.15 -0.95
C LEU A 20 -7.20 0.52 -2.31
N TYR A 21 -5.94 0.14 -2.66
CA TYR A 21 -5.60 -0.46 -3.94
C TYR A 21 -6.32 -1.80 -4.07
N LYS A 22 -6.34 -2.59 -2.97
CA LYS A 22 -6.97 -3.89 -2.93
C LYS A 22 -8.47 -3.75 -3.03
N SER A 23 -9.05 -2.70 -2.40
CA SER A 23 -10.48 -2.44 -2.42
C SER A 23 -10.95 -2.00 -3.78
N GLY A 24 -10.07 -1.33 -4.57
CA GLY A 24 -10.41 -0.87 -5.89
C GLY A 24 -9.62 0.36 -6.12
N SER A 25 -8.62 0.24 -7.02
CA SER A 25 -7.76 1.33 -7.34
C SER A 25 -8.48 2.25 -8.28
N SER A 26 -8.74 3.47 -7.78
CA SER A 26 -9.35 4.50 -8.57
C SER A 26 -8.12 5.32 -8.81
N LEU A 27 -7.68 5.43 -10.07
CA LEU A 27 -6.47 6.15 -10.38
C LEU A 27 -6.58 7.62 -10.13
N GLY A 28 -7.78 8.20 -10.39
CA GLY A 28 -8.01 9.60 -10.19
C GLY A 28 -8.00 9.95 -8.72
N ALA A 29 -8.56 9.07 -7.87
CA ALA A 29 -8.61 9.31 -6.45
C ALA A 29 -7.29 9.09 -5.78
N ILE A 30 -6.56 8.02 -6.15
CA ILE A 30 -5.28 7.68 -5.58
C ILE A 30 -4.21 8.67 -5.94
N SER A 31 -4.20 9.18 -7.19
CA SER A 31 -3.20 10.14 -7.61
C SER A 31 -3.34 11.43 -6.86
N LYS A 32 -4.58 11.88 -6.59
CA LYS A 32 -4.83 13.11 -5.87
C LYS A 32 -4.45 12.99 -4.42
N ARG A 33 -4.70 11.81 -3.80
CA ARG A 33 -4.38 11.56 -2.42
C ARG A 33 -2.89 11.46 -2.17
N LEU A 34 -2.17 10.69 -3.02
CA LEU A 34 -0.75 10.48 -2.90
C LEU A 34 0.13 11.56 -3.43
N ALA A 35 -0.24 12.10 -4.62
CA ALA A 35 0.45 13.12 -5.37
C ALA A 35 1.64 12.45 -6.03
N VAL A 36 2.64 12.02 -5.23
CA VAL A 36 3.81 11.34 -5.73
C VAL A 36 3.89 10.08 -4.88
N PRO A 37 3.50 8.90 -5.41
CA PRO A 37 3.54 7.65 -4.68
C PRO A 37 4.92 7.16 -4.35
N ARG A 38 5.92 7.45 -5.23
CA ARG A 38 7.29 7.02 -5.11
C ARG A 38 7.45 5.52 -5.22
N SER A 39 8.73 5.09 -5.24
CA SER A 39 9.12 3.72 -5.38
C SER A 39 8.67 2.87 -4.22
N SER A 40 8.67 3.43 -2.99
CA SER A 40 8.30 2.71 -1.80
C SER A 40 6.87 2.24 -1.80
N VAL A 41 5.91 3.16 -2.12
CA VAL A 41 4.51 2.79 -2.14
C VAL A 41 4.27 1.91 -3.34
N GLN A 42 4.92 2.19 -4.49
CA GLN A 42 4.75 1.43 -5.71
C GLN A 42 5.14 -0.02 -5.53
N THR A 43 6.20 -0.32 -4.72
CA THR A 43 6.63 -1.67 -4.48
C THR A 43 5.59 -2.43 -3.69
N ILE A 44 4.94 -1.79 -2.70
CA ILE A 44 3.94 -2.44 -1.88
C ILE A 44 2.68 -2.67 -2.73
N VAL A 45 2.35 -1.71 -3.63
CA VAL A 45 1.22 -1.77 -4.55
C VAL A 45 1.40 -2.96 -5.45
N ARG A 46 2.65 -3.22 -5.92
CA ARG A 46 2.97 -4.33 -6.78
C ARG A 46 2.72 -5.65 -6.11
N LYS A 47 3.01 -5.75 -4.78
CA LYS A 47 2.81 -6.96 -4.03
C LYS A 47 1.34 -7.29 -4.00
N TYR A 48 0.50 -6.27 -3.75
CA TYR A 48 -0.94 -6.41 -3.70
C TYR A 48 -1.56 -6.73 -5.03
N LYS A 49 -1.02 -6.16 -6.13
CA LYS A 49 -1.48 -6.37 -7.49
C LYS A 49 -1.29 -7.81 -7.88
N HIS A 50 -0.15 -8.41 -7.45
CA HIS A 50 0.18 -9.78 -7.72
C HIS A 50 -0.82 -10.71 -7.09
N HIS A 51 -1.21 -10.43 -5.82
CA HIS A 51 -2.15 -11.25 -5.12
C HIS A 51 -3.58 -10.95 -5.45
N GLY A 52 -3.85 -9.73 -5.97
CA GLY A 52 -5.17 -9.29 -6.33
C GLY A 52 -5.62 -9.85 -7.64
N THR A 53 -4.69 -10.48 -8.41
CA THR A 53 -5.04 -11.04 -9.69
C THR A 53 -5.87 -12.29 -9.46
N THR A 54 -5.33 -13.33 -8.77
CA THR A 54 -6.10 -14.53 -8.53
C THR A 54 -5.94 -14.91 -7.08
N GLN A 55 -4.71 -15.37 -6.71
CA GLN A 55 -4.27 -15.84 -5.40
C GLN A 55 -4.97 -17.12 -5.02
N HIS A 56 -6.27 -17.04 -4.68
CA HIS A 56 -7.06 -18.17 -4.27
C HIS A 56 -7.48 -19.03 -5.41
N HIS A 57 -7.35 -20.36 -5.22
CA HIS A 57 -7.69 -21.34 -6.20
C HIS A 57 -8.60 -22.35 -5.48
N ALA A 1 11.07 11.88 8.60
CA ALA A 1 11.25 12.36 9.99
C ALA A 1 10.42 11.54 10.91
N SER A 2 11.02 11.23 12.08
CA SER A 2 10.38 10.45 13.11
C SER A 2 9.55 11.31 14.04
N MET A 3 10.10 12.47 14.47
CA MET A 3 9.46 13.37 15.40
C MET A 3 8.17 13.91 14.83
N GLY A 4 7.08 13.69 15.60
CA GLY A 4 5.76 14.13 15.27
C GLY A 4 5.01 13.11 14.44
N LYS A 5 5.71 12.09 13.89
CA LYS A 5 5.13 11.05 13.10
C LYS A 5 5.28 9.73 13.82
N SER A 6 5.84 9.76 15.06
CA SER A 6 6.07 8.64 15.93
C SER A 6 4.78 8.03 16.42
N LYS A 7 3.70 8.85 16.45
CA LYS A 7 2.37 8.52 16.87
C LYS A 7 1.63 7.67 15.86
N GLU A 8 0.49 7.11 16.32
CA GLU A 8 -0.39 6.25 15.56
C GLU A 8 -1.07 6.99 14.44
N ILE A 9 -1.74 6.20 13.55
CA ILE A 9 -2.49 6.60 12.37
C ILE A 9 -1.56 6.84 11.19
N SER A 10 -0.25 7.07 11.41
CA SER A 10 0.71 7.32 10.35
C SER A 10 0.90 6.09 9.51
N GLN A 11 1.14 4.93 10.18
CA GLN A 11 1.34 3.65 9.56
C GLN A 11 0.03 3.11 9.07
N ASP A 12 -1.04 3.36 9.85
CA ASP A 12 -2.39 2.92 9.56
C ASP A 12 -2.89 3.54 8.29
N LEU A 13 -2.50 4.82 8.00
CA LEU A 13 -2.89 5.52 6.81
C LEU A 13 -2.28 4.83 5.62
N ARG A 14 -0.99 4.43 5.73
CA ARG A 14 -0.29 3.75 4.65
C ARG A 14 -0.90 2.41 4.38
N LYS A 15 -1.31 1.68 5.45
CA LYS A 15 -1.93 0.38 5.34
C LYS A 15 -3.22 0.53 4.62
N ARG A 16 -4.01 1.60 4.96
CA ARG A 16 -5.27 1.88 4.35
C ARG A 16 -5.16 2.26 2.91
N ILE A 17 -4.03 2.87 2.47
CA ILE A 17 -3.89 3.23 1.08
C ILE A 17 -3.72 1.97 0.25
N VAL A 18 -2.84 1.05 0.73
CA VAL A 18 -2.52 -0.20 0.07
C VAL A 18 -3.71 -1.16 0.08
N ASP A 19 -4.40 -1.27 1.24
CA ASP A 19 -5.53 -2.14 1.43
C ASP A 19 -6.72 -1.69 0.65
N LEU A 20 -7.00 -0.36 0.60
CA LEU A 20 -8.13 0.14 -0.15
C LEU A 20 -7.92 -0.06 -1.61
N TYR A 21 -6.65 0.01 -2.10
CA TYR A 21 -6.36 -0.20 -3.49
C TYR A 21 -6.75 -1.61 -3.88
N LYS A 22 -6.45 -2.60 -3.01
CA LYS A 22 -6.78 -4.00 -3.21
C LYS A 22 -8.28 -4.18 -3.19
N SER A 23 -8.98 -3.42 -2.31
CA SER A 23 -10.41 -3.47 -2.13
C SER A 23 -11.17 -2.89 -3.31
N GLY A 24 -10.50 -2.10 -4.19
CA GLY A 24 -11.19 -1.55 -5.32
C GLY A 24 -10.99 -0.10 -5.64
N SER A 25 -10.14 0.64 -4.87
CA SER A 25 -9.87 2.04 -5.14
C SER A 25 -8.92 2.21 -6.30
N SER A 26 -9.00 3.39 -6.97
CA SER A 26 -8.17 3.77 -8.08
C SER A 26 -6.82 4.28 -7.66
N LEU A 27 -5.87 4.36 -8.63
CA LEU A 27 -4.53 4.86 -8.43
C LEU A 27 -4.56 6.34 -8.16
N GLY A 28 -5.64 7.04 -8.61
CA GLY A 28 -5.82 8.46 -8.43
C GLY A 28 -5.93 8.79 -6.97
N ALA A 29 -6.57 7.90 -6.17
CA ALA A 29 -6.74 8.06 -4.74
C ALA A 29 -5.42 7.91 -4.05
N ILE A 30 -4.55 6.98 -4.53
CA ILE A 30 -3.25 6.72 -3.97
C ILE A 30 -2.40 7.94 -4.19
N SER A 31 -2.47 8.53 -5.42
CA SER A 31 -1.72 9.70 -5.81
C SER A 31 -2.11 10.88 -4.97
N LYS A 32 -3.40 11.01 -4.61
CA LYS A 32 -3.88 12.09 -3.81
C LYS A 32 -3.37 12.03 -2.40
N ARG A 33 -3.45 10.83 -1.76
CA ARG A 33 -3.04 10.66 -0.38
C ARG A 33 -1.55 10.65 -0.18
N LEU A 34 -0.82 9.84 -0.98
CA LEU A 34 0.62 9.74 -0.91
C LEU A 34 1.40 10.86 -1.53
N ALA A 35 0.86 11.44 -2.63
CA ALA A 35 1.44 12.53 -3.39
C ALA A 35 2.59 12.06 -4.23
N VAL A 36 3.73 11.66 -3.61
CA VAL A 36 4.88 11.20 -4.36
C VAL A 36 5.19 9.79 -3.88
N PRO A 37 4.69 8.75 -4.54
CA PRO A 37 4.94 7.37 -4.20
C PRO A 37 6.35 6.93 -4.47
N ARG A 38 7.03 7.55 -5.47
CA ARG A 38 8.31 7.11 -5.99
C ARG A 38 8.25 5.71 -6.56
N SER A 39 9.42 5.20 -6.98
CA SER A 39 9.57 3.90 -7.56
C SER A 39 9.30 2.79 -6.59
N SER A 40 9.74 2.96 -5.32
CA SER A 40 9.60 1.96 -4.29
C SER A 40 8.19 1.63 -3.93
N VAL A 41 7.31 2.64 -3.71
CA VAL A 41 5.94 2.38 -3.34
C VAL A 41 5.20 1.84 -4.54
N GLN A 42 5.48 2.35 -5.78
CA GLN A 42 4.82 1.89 -6.97
C GLN A 42 5.09 0.44 -7.25
N THR A 43 6.33 -0.03 -6.98
CA THR A 43 6.73 -1.41 -7.19
C THR A 43 5.98 -2.31 -6.22
N ILE A 44 5.83 -1.88 -4.95
CA ILE A 44 5.15 -2.63 -3.92
C ILE A 44 3.67 -2.74 -4.24
N VAL A 45 3.03 -1.65 -4.73
CA VAL A 45 1.62 -1.61 -5.06
C VAL A 45 1.31 -2.57 -6.18
N ARG A 46 2.19 -2.67 -7.20
CA ARG A 46 1.96 -3.57 -8.31
C ARG A 46 1.99 -5.01 -7.88
N LYS A 47 2.93 -5.37 -6.98
CA LYS A 47 3.08 -6.71 -6.46
C LYS A 47 1.90 -7.06 -5.60
N TYR A 48 1.43 -6.08 -4.78
CA TYR A 48 0.34 -6.26 -3.86
C TYR A 48 -0.95 -6.48 -4.61
N LYS A 49 -1.16 -5.75 -5.73
CA LYS A 49 -2.34 -5.88 -6.56
C LYS A 49 -2.33 -7.23 -7.21
N HIS A 50 -1.14 -7.66 -7.68
CA HIS A 50 -0.89 -8.91 -8.36
C HIS A 50 -1.22 -10.10 -7.50
N HIS A 51 -1.11 -9.97 -6.15
CA HIS A 51 -1.39 -11.06 -5.24
C HIS A 51 -2.79 -11.56 -5.34
N GLY A 52 -3.76 -10.70 -5.75
CA GLY A 52 -5.14 -11.08 -5.91
C GLY A 52 -5.33 -12.00 -7.07
N THR A 53 -4.47 -11.90 -8.10
CA THR A 53 -4.57 -12.73 -9.28
C THR A 53 -3.88 -14.04 -8.98
N THR A 54 -2.56 -14.00 -8.63
CA THR A 54 -1.81 -15.20 -8.33
C THR A 54 -0.75 -14.81 -7.34
N GLN A 55 -0.89 -15.29 -6.08
CA GLN A 55 0.08 -14.99 -5.06
C GLN A 55 1.27 -15.92 -5.14
N HIS A 56 1.00 -17.25 -5.22
CA HIS A 56 2.07 -18.22 -5.28
C HIS A 56 2.13 -18.84 -6.63
N HIS A 57 3.36 -18.87 -7.20
CA HIS A 57 3.60 -19.43 -8.51
C HIS A 57 4.45 -20.67 -8.30
N ALA A 1 -3.35 -7.05 22.58
CA ALA A 1 -1.91 -7.29 22.84
C ALA A 1 -1.07 -6.15 22.37
N SER A 2 0.11 -6.03 23.01
CA SER A 2 1.10 -5.03 22.77
C SER A 2 2.29 -5.53 21.98
N MET A 3 2.31 -6.85 21.66
CA MET A 3 3.38 -7.49 20.94
C MET A 3 3.52 -7.05 19.50
N GLY A 4 2.40 -6.69 18.84
CA GLY A 4 2.40 -6.27 17.47
C GLY A 4 2.20 -4.78 17.43
N LYS A 5 0.91 -4.38 17.34
CA LYS A 5 0.46 -3.01 17.28
C LYS A 5 1.02 -2.14 16.19
N SER A 6 0.85 -2.59 14.91
CA SER A 6 1.29 -1.87 13.73
C SER A 6 2.74 -1.50 13.69
N LYS A 7 3.59 -2.53 13.53
CA LYS A 7 5.02 -2.38 13.45
C LYS A 7 5.32 -1.57 12.22
N GLU A 8 6.17 -0.54 12.40
CA GLU A 8 6.61 0.45 11.44
C GLU A 8 5.53 1.49 11.34
N ILE A 9 5.95 2.77 11.37
CA ILE A 9 5.06 3.91 11.33
C ILE A 9 4.36 3.96 9.98
N SER A 10 5.11 3.67 8.91
CA SER A 10 4.67 3.67 7.55
C SER A 10 3.67 2.60 7.20
N GLN A 11 3.61 1.51 8.00
CA GLN A 11 2.74 0.39 7.74
C GLN A 11 1.28 0.76 7.69
N ASP A 12 0.80 1.70 8.54
CA ASP A 12 -0.60 2.11 8.54
C ASP A 12 -0.95 2.81 7.27
N LEU A 13 -0.03 3.67 6.75
CA LEU A 13 -0.25 4.40 5.53
C LEU A 13 -0.30 3.43 4.37
N ARG A 14 0.61 2.42 4.37
CA ARG A 14 0.68 1.41 3.34
C ARG A 14 -0.58 0.61 3.29
N LYS A 15 -1.13 0.23 4.48
CA LYS A 15 -2.32 -0.56 4.60
C LYS A 15 -3.51 0.18 4.06
N ARG A 16 -3.63 1.49 4.36
CA ARG A 16 -4.73 2.32 3.94
C ARG A 16 -4.75 2.44 2.44
N ILE A 17 -3.55 2.63 1.83
CA ILE A 17 -3.41 2.79 0.40
C ILE A 17 -3.75 1.49 -0.30
N VAL A 18 -3.19 0.35 0.17
CA VAL A 18 -3.38 -0.95 -0.42
C VAL A 18 -4.82 -1.41 -0.34
N ASP A 19 -5.51 -1.16 0.79
CA ASP A 19 -6.90 -1.55 0.96
C ASP A 19 -7.77 -0.86 -0.03
N LEU A 20 -7.55 0.45 -0.24
CA LEU A 20 -8.31 1.25 -1.18
C LEU A 20 -7.99 0.89 -2.61
N TYR A 21 -6.69 0.59 -2.89
CA TYR A 21 -6.15 0.26 -4.18
C TYR A 21 -6.83 -1.00 -4.71
N LYS A 22 -6.97 -2.03 -3.83
CA LYS A 22 -7.57 -3.28 -4.21
C LYS A 22 -9.06 -3.23 -4.36
N SER A 23 -9.76 -2.50 -3.45
CA SER A 23 -11.19 -2.45 -3.48
C SER A 23 -11.83 -1.49 -4.45
N GLY A 24 -11.30 -0.25 -4.55
CA GLY A 24 -11.86 0.75 -5.41
C GLY A 24 -10.84 1.51 -6.17
N SER A 25 -10.77 2.83 -5.86
CA SER A 25 -9.86 3.74 -6.50
C SER A 25 -8.45 3.40 -6.18
N SER A 26 -7.70 3.16 -7.27
CA SER A 26 -6.32 2.81 -7.21
C SER A 26 -5.45 4.02 -7.35
N LEU A 27 -5.65 4.79 -8.45
CA LEU A 27 -4.85 5.94 -8.72
C LEU A 27 -5.36 7.20 -8.09
N GLY A 28 -6.70 7.31 -7.89
CA GLY A 28 -7.28 8.50 -7.31
C GLY A 28 -6.89 8.70 -5.88
N ALA A 29 -6.76 7.59 -5.12
CA ALA A 29 -6.39 7.64 -3.73
C ALA A 29 -4.96 8.10 -3.57
N ILE A 30 -4.07 7.59 -4.45
CA ILE A 30 -2.67 7.90 -4.41
C ILE A 30 -2.45 9.34 -4.85
N SER A 31 -3.11 9.77 -5.95
CA SER A 31 -2.96 11.10 -6.51
C SER A 31 -3.42 12.18 -5.58
N LYS A 32 -4.51 11.95 -4.81
CA LYS A 32 -4.99 12.95 -3.91
C LYS A 32 -4.12 13.11 -2.69
N ARG A 33 -3.75 12.00 -2.03
CA ARG A 33 -2.95 12.10 -0.83
C ARG A 33 -1.47 12.22 -1.04
N LEU A 34 -0.88 11.25 -1.76
CA LEU A 34 0.55 11.20 -2.01
C LEU A 34 1.01 12.04 -3.16
N ALA A 35 0.16 12.14 -4.21
CA ALA A 35 0.36 12.83 -5.45
C ALA A 35 1.21 11.97 -6.34
N VAL A 36 2.48 11.73 -5.97
CA VAL A 36 3.38 10.91 -6.76
C VAL A 36 3.74 9.69 -5.94
N PRO A 37 3.41 8.47 -6.39
CA PRO A 37 3.71 7.23 -5.69
C PRO A 37 5.18 6.91 -5.58
N ARG A 38 5.97 7.19 -6.65
CA ARG A 38 7.36 6.80 -6.78
C ARG A 38 7.60 5.32 -6.63
N SER A 39 8.89 4.92 -6.57
CA SER A 39 9.32 3.55 -6.43
C SER A 39 8.89 2.97 -5.12
N SER A 40 8.81 3.81 -4.06
CA SER A 40 8.46 3.41 -2.73
C SER A 40 7.09 2.78 -2.66
N VAL A 41 6.07 3.42 -3.28
CA VAL A 41 4.73 2.87 -3.26
C VAL A 41 4.58 1.83 -4.33
N GLN A 42 5.19 2.03 -5.53
CA GLN A 42 5.08 1.11 -6.63
C GLN A 42 5.59 -0.27 -6.36
N THR A 43 6.71 -0.43 -5.63
CA THR A 43 7.28 -1.72 -5.33
C THR A 43 6.33 -2.51 -4.45
N ILE A 44 5.74 -1.84 -3.43
CA ILE A 44 4.85 -2.44 -2.47
C ILE A 44 3.56 -2.85 -3.16
N VAL A 45 2.98 -1.95 -4.00
CA VAL A 45 1.74 -2.24 -4.67
C VAL A 45 1.85 -3.30 -5.71
N ARG A 46 2.99 -3.41 -6.42
CA ARG A 46 3.14 -4.41 -7.45
C ARG A 46 3.11 -5.81 -6.92
N LYS A 47 3.68 -6.03 -5.71
CA LYS A 47 3.71 -7.32 -5.06
C LYS A 47 2.33 -7.64 -4.57
N TYR A 48 1.65 -6.64 -3.95
CA TYR A 48 0.31 -6.83 -3.43
C TYR A 48 -0.72 -7.05 -4.50
N LYS A 49 -0.51 -6.46 -5.70
CA LYS A 49 -1.38 -6.55 -6.85
C LYS A 49 -1.38 -7.97 -7.33
N HIS A 50 -0.22 -8.67 -7.28
CA HIS A 50 -0.09 -10.05 -7.69
C HIS A 50 -0.90 -10.90 -6.76
N HIS A 51 -0.84 -10.60 -5.44
CA HIS A 51 -1.57 -11.35 -4.43
C HIS A 51 -3.05 -11.10 -4.53
N GLY A 52 -3.45 -9.87 -4.95
CA GLY A 52 -4.83 -9.47 -5.11
C GLY A 52 -5.43 -10.12 -6.31
N THR A 53 -4.64 -10.32 -7.39
CA THR A 53 -5.13 -10.94 -8.59
C THR A 53 -5.28 -12.41 -8.33
N THR A 54 -4.17 -13.12 -7.99
CA THR A 54 -4.22 -14.53 -7.71
C THR A 54 -3.05 -14.86 -6.81
N GLN A 55 -3.33 -15.12 -5.51
CA GLN A 55 -2.32 -15.48 -4.55
C GLN A 55 -2.09 -16.97 -4.61
N HIS A 56 -0.81 -17.38 -4.68
CA HIS A 56 -0.38 -18.77 -4.74
C HIS A 56 -0.32 -19.36 -3.37
N HIS A 57 -0.74 -20.64 -3.24
CA HIS A 57 -0.71 -21.34 -1.98
C HIS A 57 -0.23 -22.76 -2.29
N ALA A 1 11.94 -17.12 19.35
CA ALA A 1 11.66 -16.19 18.23
C ALA A 1 10.39 -15.44 18.49
N SER A 2 10.44 -14.13 18.19
CA SER A 2 9.33 -13.23 18.36
C SER A 2 8.34 -13.43 17.24
N MET A 3 7.04 -13.55 17.62
CA MET A 3 6.00 -13.71 16.65
C MET A 3 5.31 -12.39 16.59
N GLY A 4 5.31 -11.79 15.38
CA GLY A 4 4.70 -10.50 15.16
C GLY A 4 5.69 -9.41 15.42
N LYS A 5 5.27 -8.17 15.13
CA LYS A 5 6.10 -7.01 15.30
C LYS A 5 5.35 -5.88 15.98
N SER A 6 6.10 -5.08 16.76
CA SER A 6 5.61 -3.91 17.45
C SER A 6 5.80 -2.72 16.52
N LYS A 7 5.18 -1.55 16.86
CA LYS A 7 5.27 -0.33 16.09
C LYS A 7 4.76 -0.49 14.68
N GLU A 8 3.48 -0.88 14.56
CA GLU A 8 2.81 -1.11 13.30
C GLU A 8 2.23 0.14 12.69
N ILE A 9 2.50 1.34 13.27
CA ILE A 9 2.00 2.63 12.83
C ILE A 9 2.39 2.91 11.39
N SER A 10 3.64 2.58 11.00
CA SER A 10 4.16 2.78 9.66
C SER A 10 3.47 1.91 8.64
N GLN A 11 3.18 0.66 9.07
CA GLN A 11 2.54 -0.36 8.28
C GLN A 11 1.12 0.00 8.00
N ASP A 12 0.43 0.73 8.92
CA ASP A 12 -0.96 1.12 8.77
C ASP A 12 -1.19 1.98 7.56
N LEU A 13 -0.26 2.93 7.26
CA LEU A 13 -0.36 3.80 6.11
C LEU A 13 -0.20 2.99 4.84
N ARG A 14 0.74 2.02 4.88
CA ARG A 14 1.01 1.15 3.75
C ARG A 14 -0.18 0.28 3.48
N LYS A 15 -0.86 -0.20 4.55
CA LYS A 15 -2.03 -1.05 4.46
C LYS A 15 -3.14 -0.28 3.82
N ARG A 16 -3.30 1.03 4.17
CA ARG A 16 -4.31 1.88 3.61
C ARG A 16 -4.11 2.06 2.13
N ILE A 17 -2.84 2.19 1.66
CA ILE A 17 -2.55 2.38 0.26
C ILE A 17 -2.91 1.13 -0.51
N VAL A 18 -2.52 -0.05 0.02
CA VAL A 18 -2.74 -1.35 -0.60
C VAL A 18 -4.21 -1.65 -0.69
N ASP A 19 -4.95 -1.42 0.41
CA ASP A 19 -6.37 -1.69 0.50
C ASP A 19 -7.15 -0.84 -0.43
N LEU A 20 -6.80 0.48 -0.53
CA LEU A 20 -7.49 1.39 -1.40
C LEU A 20 -7.25 1.02 -2.84
N TYR A 21 -6.01 0.57 -3.17
CA TYR A 21 -5.65 0.21 -4.52
C TYR A 21 -6.49 -0.93 -5.01
N LYS A 22 -6.68 -1.97 -4.16
CA LYS A 22 -7.45 -3.15 -4.45
C LYS A 22 -8.92 -2.84 -4.56
N SER A 23 -9.42 -1.92 -3.69
CA SER A 23 -10.80 -1.51 -3.65
C SER A 23 -11.21 -0.71 -4.85
N GLY A 24 -10.25 0.02 -5.46
CA GLY A 24 -10.53 0.81 -6.62
C GLY A 24 -10.17 2.22 -6.33
N SER A 25 -8.85 2.49 -6.41
CA SER A 25 -8.30 3.79 -6.20
C SER A 25 -8.09 4.48 -7.51
N SER A 26 -8.02 3.69 -8.62
CA SER A 26 -7.78 4.13 -9.97
C SER A 26 -6.45 4.84 -9.92
N LEU A 27 -6.39 6.14 -10.26
CA LEU A 27 -5.16 6.88 -10.17
C LEU A 27 -5.34 8.08 -9.29
N GLY A 28 -6.57 8.66 -9.28
CA GLY A 28 -6.91 9.84 -8.54
C GLY A 28 -6.90 9.76 -7.05
N ALA A 29 -7.39 8.65 -6.46
CA ALA A 29 -7.42 8.53 -5.02
C ALA A 29 -6.03 8.42 -4.46
N ILE A 30 -5.14 7.65 -5.13
CA ILE A 30 -3.77 7.50 -4.68
C ILE A 30 -3.08 8.83 -4.85
N SER A 31 -3.34 9.56 -5.96
CA SER A 31 -2.72 10.85 -6.22
C SER A 31 -3.05 11.87 -5.18
N LYS A 32 -4.30 11.86 -4.65
CA LYS A 32 -4.70 12.80 -3.63
C LYS A 32 -3.96 12.55 -2.35
N ARG A 33 -3.75 11.25 -1.99
CA ARG A 33 -3.05 10.91 -0.78
C ARG A 33 -1.57 11.20 -0.89
N LEU A 34 -0.90 10.67 -1.95
CA LEU A 34 0.51 10.86 -2.16
C LEU A 34 0.74 11.03 -3.65
N ALA A 35 1.09 12.26 -4.06
CA ALA A 35 1.33 12.56 -5.45
C ALA A 35 2.77 12.52 -5.84
N VAL A 36 3.64 13.22 -5.07
CA VAL A 36 5.05 13.30 -5.36
C VAL A 36 5.79 12.01 -5.04
N PRO A 37 5.74 11.37 -3.85
CA PRO A 37 6.46 10.15 -3.58
C PRO A 37 5.75 8.93 -4.10
N ARG A 38 5.79 8.69 -5.43
CA ARG A 38 5.19 7.53 -6.05
C ARG A 38 6.09 6.35 -6.23
N SER A 39 7.42 6.51 -6.04
CA SER A 39 8.39 5.45 -6.26
C SER A 39 8.18 4.25 -5.37
N SER A 40 7.90 4.49 -4.07
CA SER A 40 7.66 3.47 -3.10
C SER A 40 6.32 2.82 -3.32
N VAL A 41 5.31 3.64 -3.68
CA VAL A 41 3.94 3.24 -3.91
C VAL A 41 3.87 2.27 -5.07
N GLN A 42 4.66 2.50 -6.15
CA GLN A 42 4.66 1.65 -7.32
C GLN A 42 5.11 0.26 -7.00
N THR A 43 6.12 0.13 -6.11
CA THR A 43 6.67 -1.13 -5.71
C THR A 43 5.70 -1.91 -4.85
N ILE A 44 5.07 -1.21 -3.86
CA ILE A 44 4.14 -1.78 -2.92
C ILE A 44 2.90 -2.29 -3.60
N VAL A 45 2.33 -1.51 -4.55
CA VAL A 45 1.12 -1.90 -5.23
C VAL A 45 1.28 -3.13 -6.08
N ARG A 46 2.45 -3.31 -6.74
CA ARG A 46 2.66 -4.45 -7.58
C ARG A 46 2.77 -5.75 -6.83
N LYS A 47 3.53 -5.75 -5.71
CA LYS A 47 3.72 -6.94 -4.90
C LYS A 47 2.46 -7.36 -4.23
N TYR A 48 1.74 -6.40 -3.64
CA TYR A 48 0.51 -6.65 -2.94
C TYR A 48 -0.62 -7.04 -3.84
N LYS A 49 -0.65 -6.54 -5.10
CA LYS A 49 -1.68 -6.86 -6.06
C LYS A 49 -1.59 -8.32 -6.40
N HIS A 50 -0.34 -8.86 -6.53
CA HIS A 50 -0.10 -10.25 -6.83
C HIS A 50 -0.62 -11.12 -5.72
N HIS A 51 -0.44 -10.68 -4.45
CA HIS A 51 -0.90 -11.44 -3.31
C HIS A 51 -2.39 -11.44 -3.21
N GLY A 52 -3.07 -10.30 -3.52
CA GLY A 52 -4.49 -10.18 -3.44
C GLY A 52 -5.22 -10.91 -4.53
N THR A 53 -4.61 -10.99 -5.74
CA THR A 53 -5.22 -11.66 -6.86
C THR A 53 -5.00 -13.15 -6.81
N THR A 54 -3.75 -13.59 -6.57
CA THR A 54 -3.41 -14.98 -6.59
C THR A 54 -3.30 -15.74 -5.29
N GLN A 55 -2.52 -15.27 -4.28
CA GLN A 55 -2.32 -16.06 -3.09
C GLN A 55 -3.30 -16.07 -1.94
N HIS A 56 -3.64 -14.89 -1.39
CA HIS A 56 -4.52 -14.71 -0.26
C HIS A 56 -5.97 -14.84 -0.60
N HIS A 57 -6.75 -15.42 0.34
CA HIS A 57 -8.16 -15.59 0.15
C HIS A 57 -8.82 -15.22 1.48
N ALA A 1 14.91 17.08 6.52
CA ALA A 1 15.54 15.75 6.57
C ALA A 1 14.53 14.68 6.87
N SER A 2 14.98 13.42 6.66
CA SER A 2 14.21 12.22 6.87
C SER A 2 14.22 11.82 8.33
N MET A 3 15.41 11.95 8.98
CA MET A 3 15.65 11.58 10.36
C MET A 3 14.82 12.31 11.37
N GLY A 4 14.36 11.55 12.37
CA GLY A 4 13.55 12.05 13.44
C GLY A 4 13.30 10.96 14.42
N LYS A 5 12.47 11.26 15.44
CA LYS A 5 12.13 10.32 16.47
C LYS A 5 10.96 9.43 16.14
N SER A 6 10.22 9.73 15.04
CA SER A 6 9.06 8.96 14.67
C SER A 6 9.38 7.53 14.35
N LYS A 7 8.69 6.63 15.08
CA LYS A 7 8.83 5.22 14.90
C LYS A 7 7.69 4.87 14.01
N GLU A 8 8.00 4.49 12.74
CA GLU A 8 7.03 4.13 11.74
C GLU A 8 5.97 5.20 11.55
N ILE A 9 4.71 4.95 12.02
CA ILE A 9 3.55 5.82 11.95
C ILE A 9 3.01 5.83 10.54
N SER A 10 3.82 6.36 9.58
CA SER A 10 3.48 6.44 8.18
C SER A 10 3.34 5.09 7.57
N GLN A 11 4.15 4.12 8.06
CA GLN A 11 4.16 2.77 7.57
C GLN A 11 2.83 2.08 7.83
N ASP A 12 2.17 2.39 8.97
CA ASP A 12 0.89 1.82 9.32
C ASP A 12 -0.16 2.29 8.34
N LEU A 13 -0.08 3.59 7.94
CA LEU A 13 -0.98 4.17 7.00
C LEU A 13 -0.78 3.54 5.65
N ARG A 14 0.50 3.25 5.28
CA ARG A 14 0.82 2.65 4.00
C ARG A 14 0.21 1.29 3.88
N LYS A 15 0.15 0.50 4.99
CA LYS A 15 -0.40 -0.83 5.03
C LYS A 15 -1.86 -0.78 4.63
N ARG A 16 -2.59 0.24 5.14
CA ARG A 16 -3.99 0.46 4.90
C ARG A 16 -4.20 0.90 3.46
N ILE A 17 -3.33 1.79 2.96
CA ILE A 17 -3.37 2.34 1.61
C ILE A 17 -3.17 1.28 0.56
N VAL A 18 -2.27 0.30 0.84
CA VAL A 18 -1.97 -0.78 -0.07
C VAL A 18 -3.23 -1.60 -0.26
N ASP A 19 -4.01 -1.81 0.83
CA ASP A 19 -5.24 -2.55 0.78
C ASP A 19 -6.28 -1.73 0.04
N LEU A 20 -6.31 -0.40 0.28
CA LEU A 20 -7.25 0.53 -0.32
C LEU A 20 -7.13 0.58 -1.82
N TYR A 21 -5.92 0.33 -2.36
CA TYR A 21 -5.65 0.29 -3.78
C TYR A 21 -6.56 -0.70 -4.46
N LYS A 22 -6.74 -1.91 -3.87
CA LYS A 22 -7.59 -2.92 -4.44
C LYS A 22 -9.02 -2.72 -4.03
N SER A 23 -9.25 -2.27 -2.77
CA SER A 23 -10.57 -2.09 -2.22
C SER A 23 -11.43 -1.11 -2.96
N GLY A 24 -10.85 0.00 -3.47
CA GLY A 24 -11.67 0.94 -4.18
C GLY A 24 -10.90 2.14 -4.64
N SER A 25 -11.67 3.08 -5.23
CA SER A 25 -11.27 4.35 -5.79
C SER A 25 -10.19 4.17 -6.85
N SER A 26 -9.28 5.16 -7.02
CA SER A 26 -8.24 5.08 -7.99
C SER A 26 -6.95 5.48 -7.36
N LEU A 27 -5.84 4.98 -7.96
CA LEU A 27 -4.50 5.23 -7.51
C LEU A 27 -4.18 6.68 -7.65
N GLY A 28 -4.76 7.36 -8.68
CA GLY A 28 -4.54 8.76 -8.91
C GLY A 28 -5.09 9.60 -7.80
N ALA A 29 -6.24 9.19 -7.20
CA ALA A 29 -6.85 9.92 -6.11
C ALA A 29 -6.09 9.74 -4.83
N ILE A 30 -5.60 8.50 -4.57
CA ILE A 30 -4.87 8.16 -3.37
C ILE A 30 -3.52 8.86 -3.39
N SER A 31 -2.85 8.88 -4.57
CA SER A 31 -1.56 9.48 -4.77
C SER A 31 -1.63 10.96 -4.56
N LYS A 32 -2.72 11.63 -5.03
CA LYS A 32 -2.88 13.05 -4.87
C LYS A 32 -3.07 13.45 -3.43
N ARG A 33 -3.82 12.65 -2.65
CA ARG A 33 -4.07 12.92 -1.25
C ARG A 33 -2.80 12.80 -0.44
N LEU A 34 -2.00 11.75 -0.73
CA LEU A 34 -0.73 11.48 -0.08
C LEU A 34 0.33 12.44 -0.52
N ALA A 35 0.18 12.98 -1.76
CA ALA A 35 1.06 13.89 -2.44
C ALA A 35 2.19 13.10 -3.03
N VAL A 36 3.04 12.45 -2.18
CA VAL A 36 4.15 11.67 -2.72
C VAL A 36 3.92 10.22 -2.35
N PRO A 37 3.53 9.37 -3.30
CA PRO A 37 3.31 7.96 -3.07
C PRO A 37 4.57 7.18 -2.88
N ARG A 38 5.72 7.64 -3.43
CA ARG A 38 6.96 6.89 -3.58
C ARG A 38 6.83 5.70 -4.50
N SER A 39 7.98 5.13 -4.88
CA SER A 39 8.10 3.98 -5.72
C SER A 39 7.80 2.73 -4.94
N SER A 40 8.03 2.78 -3.61
CA SER A 40 7.84 1.68 -2.70
C SER A 40 6.42 1.20 -2.63
N VAL A 41 5.43 2.13 -2.55
CA VAL A 41 4.03 1.81 -2.48
C VAL A 41 3.61 1.19 -3.79
N GLN A 42 4.17 1.70 -4.92
CA GLN A 42 3.86 1.22 -6.25
C GLN A 42 4.30 -0.21 -6.41
N THR A 43 5.49 -0.56 -5.87
CA THR A 43 6.04 -1.90 -5.97
C THR A 43 5.22 -2.86 -5.15
N ILE A 44 4.79 -2.44 -3.93
CA ILE A 44 4.02 -3.28 -3.04
C ILE A 44 2.64 -3.53 -3.63
N VAL A 45 1.98 -2.50 -4.22
CA VAL A 45 0.66 -2.65 -4.78
C VAL A 45 0.68 -3.55 -6.00
N ARG A 46 1.78 -3.55 -6.79
CA ARG A 46 1.90 -4.40 -7.95
C ARG A 46 1.91 -5.86 -7.55
N LYS A 47 2.59 -6.18 -6.43
CA LYS A 47 2.70 -7.51 -5.90
C LYS A 47 1.35 -7.97 -5.40
N TYR A 48 0.59 -7.05 -4.76
CA TYR A 48 -0.73 -7.32 -4.21
C TYR A 48 -1.70 -7.61 -5.35
N LYS A 49 -1.57 -6.88 -6.49
CA LYS A 49 -2.39 -7.05 -7.67
C LYS A 49 -2.11 -8.38 -8.29
N HIS A 50 -0.81 -8.78 -8.35
CA HIS A 50 -0.36 -10.03 -8.89
C HIS A 50 -0.91 -11.17 -8.09
N HIS A 51 -1.04 -10.98 -6.76
CA HIS A 51 -1.57 -11.97 -5.85
C HIS A 51 -3.01 -12.25 -6.11
N GLY A 52 -3.75 -11.28 -6.71
CA GLY A 52 -5.14 -11.45 -7.03
C GLY A 52 -5.27 -12.45 -8.15
N THR A 53 -4.29 -12.44 -9.09
CA THR A 53 -4.30 -13.37 -10.18
C THR A 53 -3.80 -14.71 -9.70
N THR A 54 -2.61 -14.75 -9.05
CA THR A 54 -2.04 -15.98 -8.54
C THR A 54 -1.28 -15.61 -7.29
N GLN A 55 -1.82 -16.01 -6.13
CA GLN A 55 -1.20 -15.74 -4.86
C GLN A 55 -0.19 -16.80 -4.52
N HIS A 56 -0.61 -18.08 -4.61
CA HIS A 56 0.25 -19.18 -4.27
C HIS A 56 0.06 -20.34 -5.20
N HIS A 57 1.12 -21.15 -5.34
CA HIS A 57 1.11 -22.30 -6.19
C HIS A 57 1.18 -23.50 -5.23
N ALA A 1 14.41 -13.02 16.03
CA ALA A 1 13.31 -12.13 15.63
C ALA A 1 13.62 -10.72 16.00
N SER A 2 12.92 -9.77 15.36
CA SER A 2 13.11 -8.37 15.62
C SER A 2 12.55 -8.04 16.98
N MET A 3 13.43 -7.52 17.86
CA MET A 3 13.09 -7.13 19.21
C MET A 3 13.41 -5.69 19.46
N GLY A 4 14.33 -5.10 18.65
CA GLY A 4 14.74 -3.74 18.81
C GLY A 4 13.90 -2.94 17.89
N LYS A 5 14.41 -2.66 16.67
CA LYS A 5 13.62 -1.92 15.72
C LYS A 5 12.89 -3.02 14.99
N SER A 6 11.64 -3.26 15.44
CA SER A 6 10.83 -4.28 14.86
C SER A 6 10.08 -3.80 13.67
N LYS A 7 9.31 -2.69 13.82
CA LYS A 7 8.51 -2.16 12.75
C LYS A 7 8.40 -0.66 12.64
N GLU A 8 8.12 -0.22 11.39
CA GLU A 8 7.89 1.14 10.96
C GLU A 8 6.45 1.49 11.26
N ILE A 9 6.16 2.80 11.43
CA ILE A 9 4.85 3.34 11.71
C ILE A 9 4.02 3.49 10.43
N SER A 10 4.67 3.91 9.33
CA SER A 10 4.10 4.17 8.02
C SER A 10 3.40 3.03 7.34
N GLN A 11 3.75 1.78 7.70
CA GLN A 11 3.22 0.57 7.14
C GLN A 11 1.72 0.46 7.27
N ASP A 12 1.14 0.92 8.39
CA ASP A 12 -0.30 0.87 8.62
C ASP A 12 -1.01 1.77 7.64
N LEU A 13 -0.46 2.99 7.43
CA LEU A 13 -1.00 3.99 6.54
C LEU A 13 -0.95 3.48 5.13
N ARG A 14 0.21 2.88 4.73
CA ARG A 14 0.41 2.36 3.42
C ARG A 14 -0.49 1.19 3.14
N LYS A 15 -0.73 0.30 4.13
CA LYS A 15 -1.60 -0.83 3.94
C LYS A 15 -3.02 -0.42 3.70
N ARG A 16 -3.49 0.65 4.38
CA ARG A 16 -4.84 1.14 4.22
C ARG A 16 -5.02 1.68 2.83
N ILE A 17 -3.97 2.34 2.27
CA ILE A 17 -3.99 2.91 0.95
C ILE A 17 -4.02 1.81 -0.09
N VAL A 18 -3.25 0.71 0.13
CA VAL A 18 -3.21 -0.41 -0.78
C VAL A 18 -4.55 -1.10 -0.80
N ASP A 19 -5.27 -1.13 0.36
CA ASP A 19 -6.58 -1.72 0.48
C ASP A 19 -7.53 -0.93 -0.39
N LEU A 20 -7.37 0.42 -0.42
CA LEU A 20 -8.18 1.31 -1.24
C LEU A 20 -7.90 1.06 -2.69
N TYR A 21 -6.62 0.80 -3.06
CA TYR A 21 -6.17 0.52 -4.41
C TYR A 21 -6.90 -0.70 -4.92
N LYS A 22 -6.96 -1.76 -4.07
CA LYS A 22 -7.61 -3.00 -4.41
C LYS A 22 -9.10 -2.82 -4.53
N SER A 23 -9.69 -1.91 -3.71
CA SER A 23 -11.10 -1.61 -3.71
C SER A 23 -11.53 -0.77 -4.89
N GLY A 24 -10.57 -0.19 -5.66
CA GLY A 24 -10.89 0.60 -6.82
C GLY A 24 -10.49 2.05 -6.78
N SER A 25 -10.16 2.63 -5.61
CA SER A 25 -9.73 4.01 -5.55
C SER A 25 -8.23 3.86 -5.67
N SER A 26 -7.76 3.82 -6.93
CA SER A 26 -6.38 3.60 -7.22
C SER A 26 -5.57 4.85 -7.44
N LEU A 27 -5.74 5.52 -8.60
CA LEU A 27 -4.99 6.70 -8.92
C LEU A 27 -5.57 7.91 -8.26
N GLY A 28 -6.88 7.86 -7.93
CA GLY A 28 -7.56 8.94 -7.28
C GLY A 28 -7.12 9.05 -5.84
N ALA A 29 -6.56 7.97 -5.27
CA ALA A 29 -6.13 7.99 -3.90
C ALA A 29 -4.64 8.16 -3.78
N ILE A 30 -3.84 7.34 -4.52
CA ILE A 30 -2.39 7.38 -4.41
C ILE A 30 -1.84 8.72 -4.86
N SER A 31 -2.27 9.20 -6.05
CA SER A 31 -1.79 10.43 -6.60
C SER A 31 -2.25 11.65 -5.85
N LYS A 32 -3.49 11.63 -5.31
CA LYS A 32 -3.98 12.77 -4.58
C LYS A 32 -3.53 12.87 -3.15
N ARG A 33 -3.69 11.77 -2.39
CA ARG A 33 -3.34 11.73 -0.99
C ARG A 33 -1.86 11.71 -0.76
N LEU A 34 -1.13 10.78 -1.42
CA LEU A 34 0.30 10.70 -1.20
C LEU A 34 1.08 11.61 -2.09
N ALA A 35 0.89 11.47 -3.42
CA ALA A 35 1.54 12.24 -4.45
C ALA A 35 3.02 12.02 -4.58
N VAL A 36 3.80 12.45 -3.54
CA VAL A 36 5.23 12.35 -3.51
C VAL A 36 5.77 10.94 -3.38
N PRO A 37 5.44 10.04 -2.44
CA PRO A 37 6.04 8.71 -2.37
C PRO A 37 5.42 7.70 -3.31
N ARG A 38 5.20 8.09 -4.59
CA ARG A 38 4.51 7.26 -5.54
C ARG A 38 5.35 6.08 -5.94
N SER A 39 6.69 6.24 -6.03
CA SER A 39 7.59 5.18 -6.42
C SER A 39 7.62 4.04 -5.42
N SER A 40 7.66 4.37 -4.11
CA SER A 40 7.69 3.38 -3.06
C SER A 40 6.38 2.64 -3.03
N VAL A 41 5.27 3.39 -3.23
CA VAL A 41 3.95 2.82 -3.23
C VAL A 41 3.79 1.92 -4.43
N GLN A 42 4.38 2.25 -5.60
CA GLN A 42 4.29 1.43 -6.79
C GLN A 42 4.93 0.09 -6.57
N THR A 43 6.06 0.08 -5.81
CA THR A 43 6.79 -1.13 -5.51
C THR A 43 5.93 -2.04 -4.65
N ILE A 44 5.20 -1.44 -3.66
CA ILE A 44 4.33 -2.15 -2.75
C ILE A 44 3.11 -2.69 -3.48
N VAL A 45 2.55 -1.89 -4.42
CA VAL A 45 1.39 -2.22 -5.23
C VAL A 45 1.67 -3.43 -6.07
N ARG A 46 2.90 -3.55 -6.64
CA ARG A 46 3.28 -4.67 -7.46
C ARG A 46 3.24 -5.96 -6.67
N LYS A 47 3.67 -5.91 -5.38
CA LYS A 47 3.67 -7.06 -4.49
C LYS A 47 2.25 -7.42 -4.16
N TYR A 48 1.41 -6.39 -3.90
CA TYR A 48 0.02 -6.57 -3.59
C TYR A 48 -0.83 -7.02 -4.73
N LYS A 49 -0.40 -6.77 -6.00
CA LYS A 49 -1.10 -7.23 -7.18
C LYS A 49 -1.03 -8.74 -7.18
N HIS A 50 0.15 -9.29 -6.77
CA HIS A 50 0.39 -10.71 -6.66
C HIS A 50 -0.51 -11.26 -5.57
N HIS A 51 -0.61 -10.53 -4.44
CA HIS A 51 -1.44 -10.95 -3.32
C HIS A 51 -2.91 -10.83 -3.61
N GLY A 52 -3.31 -9.95 -4.55
CA GLY A 52 -4.68 -9.77 -4.93
C GLY A 52 -5.18 -10.96 -5.69
N THR A 53 -4.27 -11.61 -6.47
CA THR A 53 -4.59 -12.77 -7.24
C THR A 53 -4.64 -13.97 -6.33
N THR A 54 -3.59 -14.19 -5.49
CA THR A 54 -3.55 -15.32 -4.60
C THR A 54 -2.97 -14.84 -3.30
N GLN A 55 -3.85 -14.69 -2.28
CA GLN A 55 -3.46 -14.26 -0.97
C GLN A 55 -2.78 -15.40 -0.25
N HIS A 56 -1.62 -15.08 0.38
CA HIS A 56 -0.83 -16.05 1.11
C HIS A 56 -0.98 -15.72 2.57
N HIS A 57 -1.15 -16.78 3.40
CA HIS A 57 -1.29 -16.62 4.82
C HIS A 57 -0.40 -17.71 5.44
N ALA A 1 16.20 -11.99 14.26
CA ALA A 1 14.83 -11.46 14.22
C ALA A 1 14.81 -10.03 14.65
N SER A 2 13.70 -9.34 14.31
CA SER A 2 13.56 -7.96 14.66
C SER A 2 13.11 -7.93 16.09
N MET A 3 14.03 -7.46 16.97
CA MET A 3 13.78 -7.35 18.39
C MET A 3 14.10 -5.97 18.92
N GLY A 4 14.87 -5.16 18.15
CA GLY A 4 15.24 -3.83 18.57
C GLY A 4 14.20 -2.92 18.04
N LYS A 5 14.42 -2.37 16.82
CA LYS A 5 13.42 -1.52 16.22
C LYS A 5 12.62 -2.57 15.53
N SER A 6 11.47 -2.90 16.14
CA SER A 6 10.60 -3.92 15.66
C SER A 6 9.75 -3.58 14.47
N LYS A 7 9.03 -2.43 14.51
CA LYS A 7 8.16 -2.09 13.41
C LYS A 7 8.09 -0.61 13.14
N GLU A 8 7.88 -0.28 11.84
CA GLU A 8 7.74 1.05 11.29
C GLU A 8 6.32 1.54 11.53
N ILE A 9 6.12 2.88 11.49
CA ILE A 9 4.84 3.53 11.68
C ILE A 9 4.04 3.55 10.39
N SER A 10 4.73 3.80 9.25
CA SER A 10 4.21 3.94 7.91
C SER A 10 3.46 2.78 7.33
N GLN A 11 3.80 1.54 7.73
CA GLN A 11 3.22 0.32 7.23
C GLN A 11 1.73 0.21 7.36
N ASP A 12 1.14 0.64 8.50
CA ASP A 12 -0.28 0.54 8.73
C ASP A 12 -1.04 1.47 7.83
N LEU A 13 -0.52 2.70 7.63
CA LEU A 13 -1.13 3.71 6.80
C LEU A 13 -1.05 3.31 5.36
N ARG A 14 0.11 2.78 4.94
CA ARG A 14 0.33 2.34 3.59
C ARG A 14 -0.53 1.17 3.26
N LYS A 15 -0.73 0.23 4.21
CA LYS A 15 -1.55 -0.93 3.98
C LYS A 15 -2.98 -0.56 3.77
N ARG A 16 -3.47 0.50 4.46
CA ARG A 16 -4.83 0.97 4.30
C ARG A 16 -5.00 1.54 2.91
N ILE A 17 -3.96 2.25 2.39
CA ILE A 17 -3.97 2.85 1.07
C ILE A 17 -3.98 1.76 0.02
N VAL A 18 -3.20 0.67 0.23
CA VAL A 18 -3.12 -0.45 -0.68
C VAL A 18 -4.46 -1.15 -0.73
N ASP A 19 -5.17 -1.23 0.41
CA ASP A 19 -6.49 -1.85 0.48
C ASP A 19 -7.46 -1.04 -0.35
N LEU A 20 -7.32 0.31 -0.35
CA LEU A 20 -8.15 1.19 -1.13
C LEU A 20 -7.85 1.01 -2.60
N TYR A 21 -6.56 0.76 -2.96
CA TYR A 21 -6.10 0.55 -4.32
C TYR A 21 -6.83 -0.67 -4.85
N LYS A 22 -6.89 -1.75 -4.02
CA LYS A 22 -7.52 -3.00 -4.34
C LYS A 22 -9.02 -2.81 -4.52
N SER A 23 -9.63 -1.92 -3.70
CA SER A 23 -11.05 -1.62 -3.74
C SER A 23 -11.45 -0.79 -4.93
N GLY A 24 -10.49 -0.11 -5.60
CA GLY A 24 -10.80 0.69 -6.76
C GLY A 24 -10.43 2.14 -6.68
N SER A 25 -10.12 2.69 -5.48
CA SER A 25 -9.71 4.07 -5.38
C SER A 25 -8.22 3.93 -5.50
N SER A 26 -7.75 3.83 -6.77
CA SER A 26 -6.36 3.60 -7.04
C SER A 26 -5.51 4.82 -7.29
N LEU A 27 -5.54 5.38 -8.52
CA LEU A 27 -4.71 6.52 -8.83
C LEU A 27 -5.30 7.78 -8.31
N GLY A 28 -6.65 7.80 -8.11
CA GLY A 28 -7.34 8.95 -7.59
C GLY A 28 -6.98 9.17 -6.14
N ALA A 29 -6.58 8.10 -5.43
CA ALA A 29 -6.22 8.21 -4.05
C ALA A 29 -4.74 8.36 -3.84
N ILE A 30 -3.91 7.53 -4.52
CA ILE A 30 -2.47 7.56 -4.34
C ILE A 30 -1.88 8.84 -4.86
N SER A 31 -2.28 9.30 -6.07
CA SER A 31 -1.75 10.49 -6.67
C SER A 31 -2.19 11.73 -5.96
N LYS A 32 -3.42 11.76 -5.43
CA LYS A 32 -3.89 12.94 -4.74
C LYS A 32 -3.46 13.07 -3.32
N ARG A 33 -3.58 11.99 -2.52
CA ARG A 33 -3.22 12.00 -1.13
C ARG A 33 -1.74 11.97 -0.90
N LEU A 34 -1.02 11.00 -1.51
CA LEU A 34 0.40 10.89 -1.31
C LEU A 34 1.17 11.79 -2.23
N ALA A 35 0.90 11.67 -3.56
CA ALA A 35 1.51 12.44 -4.62
C ALA A 35 2.97 12.19 -4.84
N VAL A 36 3.83 12.57 -3.86
CA VAL A 36 5.26 12.42 -3.96
C VAL A 36 5.76 10.98 -3.82
N PRO A 37 5.46 10.14 -2.81
CA PRO A 37 6.02 8.79 -2.73
C PRO A 37 5.31 7.75 -3.57
N ARG A 38 4.98 8.09 -4.85
CA ARG A 38 4.30 7.18 -5.73
C ARG A 38 5.15 6.02 -6.13
N SER A 39 6.49 6.23 -6.26
CA SER A 39 7.41 5.19 -6.65
C SER A 39 7.50 4.10 -5.61
N SER A 40 7.58 4.51 -4.32
CA SER A 40 7.67 3.60 -3.20
C SER A 40 6.41 2.81 -3.09
N VAL A 41 5.25 3.49 -3.26
CA VAL A 41 3.96 2.86 -3.17
C VAL A 41 3.78 1.89 -4.30
N GLN A 42 4.21 2.22 -5.55
CA GLN A 42 4.06 1.34 -6.68
C GLN A 42 4.85 0.07 -6.54
N THR A 43 6.00 0.11 -5.83
CA THR A 43 6.82 -1.06 -5.60
C THR A 43 6.05 -2.04 -4.71
N ILE A 44 5.33 -1.51 -3.68
CA ILE A 44 4.56 -2.27 -2.73
C ILE A 44 3.32 -2.81 -3.42
N VAL A 45 2.68 -1.98 -4.28
CA VAL A 45 1.48 -2.29 -5.01
C VAL A 45 1.69 -3.45 -5.94
N ARG A 46 2.88 -3.59 -6.58
CA ARG A 46 3.14 -4.70 -7.48
C ARG A 46 3.09 -6.01 -6.72
N LYS A 47 3.65 -6.04 -5.49
CA LYS A 47 3.67 -7.21 -4.65
C LYS A 47 2.27 -7.53 -4.21
N TYR A 48 1.49 -6.49 -3.86
CA TYR A 48 0.11 -6.65 -3.45
C TYR A 48 -0.79 -7.05 -4.57
N LYS A 49 -0.44 -6.73 -5.85
CA LYS A 49 -1.22 -7.13 -7.00
C LYS A 49 -1.14 -8.63 -7.10
N HIS A 50 0.05 -9.21 -6.81
CA HIS A 50 0.27 -10.64 -6.82
C HIS A 50 -0.58 -11.24 -5.72
N HIS A 51 -0.62 -10.59 -4.54
CA HIS A 51 -1.41 -11.06 -3.42
C HIS A 51 -2.89 -10.94 -3.67
N GLY A 52 -3.31 -9.99 -4.54
CA GLY A 52 -4.70 -9.81 -4.87
C GLY A 52 -5.19 -10.98 -5.69
N THR A 53 -4.27 -11.59 -6.48
CA THR A 53 -4.58 -12.73 -7.31
C THR A 53 -4.68 -13.94 -6.41
N THR A 54 -3.65 -14.21 -5.58
CA THR A 54 -3.67 -15.36 -4.68
C THR A 54 -2.89 -14.96 -3.46
N GLN A 55 -3.63 -14.70 -2.36
CA GLN A 55 -3.05 -14.33 -1.08
C GLN A 55 -2.46 -15.54 -0.42
N HIS A 56 -1.20 -15.39 0.04
CA HIS A 56 -0.45 -16.41 0.72
C HIS A 56 -0.58 -16.10 2.17
N HIS A 57 -0.93 -17.12 2.98
CA HIS A 57 -1.11 -16.95 4.40
C HIS A 57 -0.01 -17.76 5.09
#